data_3EYL
#
_entry.id   3EYL
#
_cell.length_a   170.423
_cell.length_b   170.423
_cell.length_c   170.423
_cell.angle_alpha   90.00
_cell.angle_beta   90.00
_cell.angle_gamma   90.00
#
_symmetry.space_group_name_H-M   'I 41 3 2'
#
loop_
_entity.id
_entity.type
_entity.pdbx_description
1 polymer 'Baculoviral IAP repeat-containing protein 4'
2 non-polymer 'ZINC ION'
3 non-polymer (3S,6S,7R,9aS)-6-{[(2S)-2-aminobutanoyl]amino}-7-(2-aminoethyl)-N-(diphenylmethyl)-5-oxooctahydro-1H-pyrrolo[1,2-a]azepine-3-carboxamide
4 water water
#
_entity_poly.entity_id   1
_entity_poly.type   'polypeptide(L)'
_entity_poly.pdbx_seq_one_letter_code
;SDAVSSDRNFPNSTNLPRNPSMADYEARIFTFGTWIYSVNKEQLARAGFYALGEGDKVKCFHCGGGLTDWKPSEDPWEQH
AKWYPGCKYLLEQKGQEYINNIHLTHSLEECLVRTTHHHHHH
;
_entity_poly.pdbx_strand_id   A,B
#
# COMPACT_ATOMS: atom_id res chain seq x y z
N THR A 14 -20.24 -10.98 -0.30
CA THR A 14 -20.68 -12.26 -0.96
C THR A 14 -19.66 -13.41 -0.78
N ASN A 15 -18.44 -13.06 -0.34
CA ASN A 15 -17.37 -14.03 -0.03
C ASN A 15 -17.32 -14.41 1.45
N LEU A 16 -18.18 -15.35 1.84
CA LEU A 16 -18.27 -15.84 3.21
C LEU A 16 -16.98 -16.57 3.61
N PRO A 17 -16.56 -16.44 4.89
CA PRO A 17 -15.38 -17.14 5.42
C PRO A 17 -15.53 -18.67 5.41
N ARG A 18 -14.46 -19.37 5.06
CA ARG A 18 -14.45 -20.83 4.99
C ARG A 18 -14.49 -21.52 6.35
N ASN A 19 -14.28 -20.75 7.41
CA ASN A 19 -14.35 -21.28 8.77
C ASN A 19 -14.84 -20.21 9.75
N PRO A 20 -16.16 -20.06 9.87
CA PRO A 20 -16.76 -18.97 10.65
C PRO A 20 -16.42 -19.04 12.14
N SER A 21 -16.23 -20.24 12.67
CA SER A 21 -15.89 -20.42 14.09
C SER A 21 -14.52 -19.83 14.43
N MET A 22 -13.67 -19.66 13.42
CA MET A 22 -12.34 -19.08 13.61
C MET A 22 -12.28 -17.60 13.23
N ALA A 23 -13.44 -17.00 12.97
CA ALA A 23 -13.51 -15.59 12.62
C ALA A 23 -13.07 -14.64 13.74
N ASP A 24 -12.99 -15.15 14.98
CA ASP A 24 -12.54 -14.36 16.13
C ASP A 24 -11.04 -14.52 16.35
N TYR A 25 -10.39 -13.44 16.77
CA TYR A 25 -8.97 -13.46 17.07
C TYR A 25 -8.65 -14.45 18.19
N GLU A 26 -9.40 -14.36 19.30
CA GLU A 26 -9.16 -15.23 20.46
C GLU A 26 -9.40 -16.69 20.12
N ALA A 27 -10.46 -16.95 19.36
CA ALA A 27 -10.73 -18.30 18.85
C ALA A 27 -9.48 -18.89 18.21
N ARG A 28 -8.70 -18.03 17.54
CA ARG A 28 -7.50 -18.46 16.84
C ARG A 28 -6.29 -18.62 17.77
N ILE A 29 -6.01 -17.63 18.61
CA ILE A 29 -4.88 -17.76 19.56
C ILE A 29 -5.04 -19.00 20.45
N PHE A 30 -6.27 -19.38 20.75
CA PHE A 30 -6.52 -20.55 21.58
C PHE A 30 -6.09 -21.86 20.94
N THR A 31 -5.89 -21.84 19.62
CA THR A 31 -5.42 -23.01 18.91
C THR A 31 -3.90 -23.15 19.02
N PHE A 32 -3.26 -22.12 19.57
CA PHE A 32 -1.81 -22.10 19.75
C PHE A 32 -1.40 -22.38 21.20
N GLY A 33 -2.07 -23.36 21.81
CA GLY A 33 -1.72 -23.80 23.17
C GLY A 33 -0.36 -24.47 23.16
N THR A 34 -0.29 -25.65 22.56
CA THR A 34 0.98 -26.28 22.22
C THR A 34 1.53 -25.58 20.97
N TRP A 35 2.27 -24.49 21.17
CA TRP A 35 2.95 -23.83 20.05
C TRP A 35 4.44 -23.66 20.32
N ILE A 36 5.23 -24.56 19.73
CA ILE A 36 6.65 -24.67 20.04
C ILE A 36 7.59 -24.03 19.00
N TYR A 37 7.01 -23.33 18.03
CA TYR A 37 7.76 -22.84 16.86
C TYR A 37 8.13 -21.36 16.95
N SER A 38 9.27 -21.01 16.34
CA SER A 38 9.85 -19.68 16.48
C SER A 38 8.91 -18.56 16.01
N VAL A 39 8.12 -18.85 14.97
CA VAL A 39 7.20 -17.85 14.42
C VAL A 39 6.07 -17.51 15.38
N ASN A 40 5.92 -16.21 15.63
CA ASN A 40 5.09 -15.67 16.69
C ASN A 40 3.59 -15.98 16.59
N LYS A 41 3.07 -16.58 17.65
CA LYS A 41 1.65 -16.93 17.76
C LYS A 41 0.70 -15.75 17.60
N GLU A 42 1.05 -14.60 18.19
CA GLU A 42 0.22 -13.39 18.07
C GLU A 42 0.13 -12.88 16.63
N GLN A 43 1.25 -12.87 15.92
CA GLN A 43 1.28 -12.47 14.51
C GLN A 43 0.48 -13.40 13.62
N LEU A 44 0.59 -14.71 13.87
CA LEU A 44 -0.11 -15.71 13.06
C LEU A 44 -1.61 -15.58 13.18
N ALA A 45 -2.09 -15.40 14.41
CA ALA A 45 -3.51 -15.22 14.66
C ALA A 45 -4.01 -13.91 14.07
N ARG A 46 -3.27 -12.83 14.28
CA ARG A 46 -3.65 -11.54 13.70
C ARG A 46 -3.76 -11.63 12.18
N ALA A 47 -2.89 -12.43 11.56
CA ALA A 47 -2.89 -12.59 10.11
C ALA A 47 -3.98 -13.53 9.58
N GLY A 48 -4.84 -14.03 10.49
CA GLY A 48 -5.96 -14.88 10.11
C GLY A 48 -5.74 -16.37 10.27
N PHE A 49 -4.52 -16.75 10.63
CA PHE A 49 -4.17 -18.16 10.74
C PHE A 49 -4.47 -18.79 12.09
N TYR A 50 -4.90 -20.04 12.06
CA TYR A 50 -5.05 -20.83 13.27
C TYR A 50 -4.28 -22.12 13.06
N ALA A 51 -3.67 -22.65 14.12
CA ALA A 51 -2.89 -23.88 14.06
C ALA A 51 -3.79 -25.10 13.88
N LEU A 52 -3.24 -26.18 13.33
CA LEU A 52 -4.04 -27.37 13.06
C LEU A 52 -3.74 -28.53 14.00
N GLY A 53 -2.94 -28.27 15.03
CA GLY A 53 -2.50 -29.32 15.97
C GLY A 53 -1.72 -30.40 15.24
N GLU A 54 -0.89 -29.97 14.28
CA GLU A 54 -0.25 -30.87 13.34
C GLU A 54 0.91 -30.11 12.71
N GLY A 55 2.12 -30.65 12.84
CA GLY A 55 3.34 -29.95 12.40
C GLY A 55 3.27 -28.48 12.79
N ASP A 56 3.76 -27.60 11.92
CA ASP A 56 3.49 -26.17 12.07
C ASP A 56 2.38 -25.70 11.12
N LYS A 57 1.68 -26.66 10.53
CA LYS A 57 0.55 -26.41 9.65
C LYS A 57 -0.43 -25.39 10.24
N VAL A 58 -0.71 -24.34 9.46
CA VAL A 58 -1.74 -23.35 9.81
C VAL A 58 -2.64 -23.09 8.60
N LYS A 59 -3.86 -22.61 8.87
CA LYS A 59 -4.86 -22.38 7.85
C LYS A 59 -5.49 -21.02 8.10
N CYS A 60 -5.88 -20.32 7.03
CA CYS A 60 -6.55 -19.02 7.17
C CYS A 60 -8.04 -19.25 7.31
N PHE A 61 -8.64 -18.67 8.33
CA PHE A 61 -10.06 -18.89 8.62
C PHE A 61 -10.95 -18.44 7.46
N HIS A 62 -10.50 -17.41 6.76
CA HIS A 62 -11.29 -16.87 5.67
C HIS A 62 -11.09 -17.61 4.34
N CYS A 63 -9.94 -17.43 3.71
CA CYS A 63 -9.67 -18.05 2.41
C CYS A 63 -9.34 -19.55 2.46
N GLY A 64 -9.04 -20.05 3.65
CA GLY A 64 -8.70 -21.46 3.80
C GLY A 64 -7.29 -21.84 3.34
N GLY A 65 -6.44 -20.85 3.12
CA GLY A 65 -5.08 -21.09 2.66
C GLY A 65 -4.23 -21.76 3.73
N GLY A 66 -3.48 -22.79 3.33
CA GLY A 66 -2.65 -23.54 4.27
C GLY A 66 -1.17 -23.24 4.10
N LEU A 67 -0.44 -23.15 5.20
CA LEU A 67 0.99 -22.82 5.22
C LEU A 67 1.78 -23.65 6.22
N THR A 68 3.01 -23.99 5.87
CA THR A 68 3.84 -24.87 6.70
C THR A 68 5.31 -24.51 6.51
N ASP A 69 6.17 -25.21 7.24
CA ASP A 69 7.63 -25.07 7.10
C ASP A 69 8.05 -23.61 7.24
N TRP A 70 7.66 -22.98 8.35
CA TRP A 70 7.95 -21.58 8.61
C TRP A 70 9.42 -21.36 8.96
N LYS A 71 10.05 -20.42 8.27
CA LYS A 71 11.45 -20.09 8.53
C LYS A 71 11.57 -19.01 9.58
N PRO A 72 12.64 -19.06 10.39
CA PRO A 72 12.99 -18.12 11.46
C PRO A 72 12.41 -16.71 11.31
N SER A 73 12.66 -16.07 10.17
CA SER A 73 12.35 -14.65 10.03
C SER A 73 11.28 -14.32 8.99
N GLU A 74 10.25 -15.16 8.93
CA GLU A 74 9.18 -14.95 7.96
C GLU A 74 7.95 -14.25 8.55
N ASP A 75 7.39 -13.32 7.78
CA ASP A 75 6.24 -12.54 8.22
C ASP A 75 4.92 -13.20 7.77
N PRO A 76 4.05 -13.57 8.75
CA PRO A 76 2.77 -14.20 8.45
C PRO A 76 1.93 -13.40 7.46
N TRP A 77 1.96 -12.08 7.57
CA TRP A 77 1.23 -11.23 6.62
C TRP A 77 1.80 -11.34 5.21
N GLU A 78 3.11 -11.17 5.08
CA GLU A 78 3.79 -11.32 3.79
C GLU A 78 3.49 -12.66 3.15
N GLN A 79 3.67 -13.74 3.92
CA GLN A 79 3.43 -15.08 3.42
C GLN A 79 1.97 -15.30 3.02
N HIS A 80 1.05 -14.70 3.77
CA HIS A 80 -0.37 -14.79 3.44
C HIS A 80 -0.62 -14.18 2.06
N ALA A 81 -0.05 -13.00 1.83
CA ALA A 81 -0.22 -12.29 0.56
C ALA A 81 0.53 -12.98 -0.57
N LYS A 82 1.75 -13.44 -0.28
CA LYS A 82 2.55 -14.12 -1.28
C LYS A 82 1.77 -15.29 -1.86
N TRP A 83 1.23 -16.13 -0.99
CA TRP A 83 0.63 -17.38 -1.41
C TRP A 83 -0.84 -17.27 -1.75
N TYR A 84 -1.57 -16.44 -1.01
CA TYR A 84 -3.03 -16.35 -1.15
C TYR A 84 -3.48 -14.91 -1.29
N PRO A 85 -3.10 -14.25 -2.39
CA PRO A 85 -3.45 -12.85 -2.56
C PRO A 85 -4.95 -12.61 -2.61
N GLY A 86 -5.71 -13.62 -3.02
CA GLY A 86 -7.16 -13.48 -3.16
C GLY A 86 -7.99 -13.35 -1.89
N CYS A 87 -7.38 -13.45 -0.71
CA CYS A 87 -8.12 -13.48 0.56
C CYS A 87 -8.81 -12.15 0.93
N LYS A 88 -10.12 -12.19 1.11
CA LYS A 88 -10.88 -11.00 1.47
C LYS A 88 -10.41 -10.41 2.81
N TYR A 89 -10.21 -11.28 3.79
CA TYR A 89 -9.75 -10.83 5.11
C TYR A 89 -8.44 -10.05 5.00
N LEU A 90 -7.49 -10.62 4.27
CA LEU A 90 -6.21 -10.01 4.00
C LEU A 90 -6.36 -8.62 3.36
N LEU A 91 -7.25 -8.54 2.37
CA LEU A 91 -7.55 -7.30 1.68
C LEU A 91 -8.10 -6.21 2.61
N GLU A 92 -9.01 -6.59 3.51
CA GLU A 92 -9.62 -5.62 4.43
C GLU A 92 -8.67 -5.16 5.52
N GLN A 93 -7.75 -6.03 5.93
CA GLN A 93 -6.76 -5.69 6.95
C GLN A 93 -5.59 -4.89 6.39
N LYS A 94 -5.09 -5.28 5.22
CA LYS A 94 -3.87 -4.69 4.66
C LYS A 94 -4.06 -3.80 3.43
N GLY A 95 -5.20 -3.92 2.74
CA GLY A 95 -5.47 -3.10 1.57
C GLY A 95 -4.77 -3.57 0.29
N GLN A 96 -5.19 -3.00 -0.83
CA GLN A 96 -4.71 -3.41 -2.15
C GLN A 96 -3.20 -3.22 -2.32
N GLU A 97 -2.71 -2.08 -1.89
CA GLU A 97 -1.30 -1.71 -2.09
C GLU A 97 -0.38 -2.78 -1.53
N TYR A 98 -0.60 -3.14 -0.28
CA TYR A 98 0.24 -4.11 0.40
C TYR A 98 0.32 -5.40 -0.43
N ILE A 99 -0.85 -5.91 -0.82
CA ILE A 99 -0.93 -7.14 -1.60
C ILE A 99 -0.18 -7.01 -2.92
N ASN A 100 -0.55 -6.01 -3.71
CA ASN A 100 0.06 -5.81 -5.00
C ASN A 100 1.56 -5.63 -4.93
N ASN A 101 2.02 -4.99 -3.84
CA ASN A 101 3.45 -4.82 -3.62
C ASN A 101 4.20 -6.12 -3.49
N ILE A 102 3.70 -7.04 -2.67
CA ILE A 102 4.32 -8.36 -2.52
C ILE A 102 4.48 -9.02 -3.89
N HIS A 103 3.42 -8.98 -4.70
CA HIS A 103 3.50 -9.56 -6.03
C HIS A 103 4.32 -8.79 -7.05
N LEU A 104 4.28 -7.45 -7.00
CA LEU A 104 5.16 -6.64 -7.85
C LEU A 104 6.62 -6.99 -7.58
N THR A 105 6.98 -7.13 -6.30
CA THR A 105 8.34 -7.45 -5.91
C THR A 105 8.82 -8.78 -6.48
N HIS A 106 8.00 -9.82 -6.35
CA HIS A 106 8.33 -11.13 -6.93
C HIS A 106 8.63 -11.05 -8.42
N SER A 107 7.77 -10.37 -9.18
CA SER A 107 7.93 -10.29 -10.63
C SER A 107 9.20 -9.52 -11.01
N LEU A 108 9.44 -8.39 -10.32
CA LEU A 108 10.61 -7.55 -10.57
C LEU A 108 11.88 -8.33 -10.33
N GLU A 109 11.90 -9.04 -9.21
CA GLU A 109 13.04 -9.82 -8.81
C GLU A 109 13.37 -10.92 -9.83
N GLU A 110 12.34 -11.66 -10.29
CA GLU A 110 12.48 -12.69 -11.32
CA GLU A 110 12.55 -12.69 -11.31
C GLU A 110 12.94 -12.09 -12.65
N CYS A 111 12.46 -10.88 -12.92
CA CYS A 111 12.78 -10.16 -14.13
C CYS A 111 14.23 -9.68 -14.11
N LEU A 112 14.71 -9.25 -12.95
CA LEU A 112 16.09 -8.79 -12.78
C LEU A 112 17.12 -9.92 -12.83
N VAL A 113 16.79 -11.07 -12.25
CA VAL A 113 17.70 -12.21 -12.28
C VAL A 113 17.55 -13.02 -13.58
N ARG A 114 16.48 -13.81 -13.68
CA ARG A 114 16.24 -14.67 -14.84
C ARG A 114 15.72 -13.89 -16.04
N THR B 14 13.38 19.02 11.92
CA THR B 14 12.84 17.88 11.11
C THR B 14 12.11 18.42 9.88
N ASN B 15 11.18 17.63 9.33
CA ASN B 15 10.51 17.95 8.07
C ASN B 15 9.33 18.92 8.24
N LEU B 16 9.64 20.17 8.53
CA LEU B 16 8.62 21.22 8.61
C LEU B 16 8.12 21.56 7.21
N PRO B 17 6.79 21.75 7.05
CA PRO B 17 6.19 22.04 5.75
C PRO B 17 6.81 23.29 5.12
N ARG B 18 7.11 23.23 3.83
CA ARG B 18 7.84 24.28 3.13
C ARG B 18 7.04 25.58 3.03
N ASN B 19 5.75 25.47 2.69
CA ASN B 19 4.87 26.61 2.72
C ASN B 19 3.80 26.39 3.78
N PRO B 20 4.04 26.88 5.01
CA PRO B 20 3.14 26.64 6.14
C PRO B 20 1.76 27.28 5.96
N SER B 21 1.68 28.34 5.15
CA SER B 21 0.43 29.07 4.92
C SER B 21 -0.59 28.26 4.09
N MET B 22 -0.08 27.39 3.23
CA MET B 22 -0.93 26.60 2.34
C MET B 22 -1.26 25.21 2.92
N ALA B 23 -1.06 25.06 4.23
CA ALA B 23 -1.31 23.78 4.90
C ALA B 23 -2.79 23.38 4.90
N ASP B 24 -3.69 24.35 5.06
CA ASP B 24 -5.13 24.10 5.07
C ASP B 24 -5.65 23.85 3.67
N TYR B 25 -6.47 22.82 3.51
CA TYR B 25 -7.13 22.53 2.24
C TYR B 25 -7.86 23.77 1.68
N GLU B 26 -8.49 24.52 2.57
CA GLU B 26 -9.23 25.75 2.22
C GLU B 26 -8.35 26.77 1.49
N ALA B 27 -7.14 26.95 1.99
CA ALA B 27 -6.17 27.88 1.39
C ALA B 27 -5.82 27.47 -0.05
N ARG B 28 -5.70 26.15 -0.27
CA ARG B 28 -5.27 25.63 -1.55
C ARG B 28 -6.35 25.71 -2.63
N ILE B 29 -7.57 25.28 -2.31
CA ILE B 29 -8.68 25.34 -3.27
C ILE B 29 -8.92 26.74 -3.84
N PHE B 30 -8.87 27.76 -2.98
CA PHE B 30 -9.05 29.13 -3.45
C PHE B 30 -8.03 29.50 -4.52
N THR B 31 -6.82 28.96 -4.44
CA THR B 31 -5.77 29.30 -5.41
C THR B 31 -6.18 28.96 -6.84
N PHE B 32 -7.10 28.02 -6.99
CA PHE B 32 -7.63 27.67 -8.31
C PHE B 32 -8.79 28.61 -8.69
N GLY B 33 -10.03 28.18 -8.42
CA GLY B 33 -11.22 28.98 -8.74
C GLY B 33 -11.30 29.26 -10.23
N THR B 34 -10.51 30.24 -10.68
CA THR B 34 -10.24 30.46 -12.10
C THR B 34 -9.21 29.42 -12.60
N TRP B 35 -9.69 28.26 -13.05
CA TRP B 35 -8.84 27.14 -13.49
C TRP B 35 -9.37 26.46 -14.76
N ILE B 36 -8.60 26.57 -15.84
CA ILE B 36 -9.04 26.15 -17.19
C ILE B 36 -8.34 24.91 -17.78
N TYR B 37 -8.00 23.94 -16.94
CA TYR B 37 -7.17 22.81 -17.38
C TYR B 37 -7.79 21.42 -17.19
N SER B 38 -7.30 20.46 -17.96
CA SER B 38 -7.90 19.12 -18.07
C SER B 38 -7.82 18.25 -16.81
N VAL B 39 -7.18 18.76 -15.75
CA VAL B 39 -7.02 18.00 -14.51
C VAL B 39 -7.86 18.55 -13.38
N ASN B 40 -8.57 17.67 -12.70
CA ASN B 40 -9.50 18.03 -11.63
C ASN B 40 -8.87 18.79 -10.46
N LYS B 41 -9.33 20.02 -10.24
CA LYS B 41 -8.79 20.91 -9.20
C LYS B 41 -9.10 20.47 -7.77
N GLU B 42 -10.21 19.75 -7.61
CA GLU B 42 -10.56 19.13 -6.33
C GLU B 42 -9.41 18.23 -5.84
N GLN B 43 -8.99 17.30 -6.69
CA GLN B 43 -7.98 16.29 -6.36
C GLN B 43 -6.60 16.88 -6.13
N LEU B 44 -6.21 17.84 -6.99
CA LEU B 44 -4.93 18.52 -6.87
C LEU B 44 -4.75 19.09 -5.47
N ALA B 45 -5.78 19.79 -5.00
CA ALA B 45 -5.79 20.38 -3.66
C ALA B 45 -5.75 19.35 -2.54
N ARG B 46 -6.50 18.26 -2.69
CA ARG B 46 -6.47 17.16 -1.73
C ARG B 46 -5.08 16.51 -1.67
N ALA B 47 -4.38 16.54 -2.82
CA ALA B 47 -3.05 15.93 -2.97
C ALA B 47 -1.93 16.80 -2.38
N GLY B 48 -2.28 18.01 -1.96
CA GLY B 48 -1.32 18.93 -1.35
C GLY B 48 -0.87 20.05 -2.25
N PHE B 49 -1.41 20.11 -3.47
CA PHE B 49 -0.98 21.11 -4.45
C PHE B 49 -1.79 22.40 -4.41
N TYR B 50 -1.18 23.49 -4.88
CA TYR B 50 -1.88 24.74 -5.15
C TYR B 50 -1.33 25.37 -6.43
N ALA B 51 -2.20 26.09 -7.15
CA ALA B 51 -1.84 26.70 -8.43
C ALA B 51 -0.96 27.91 -8.22
N LEU B 52 -0.23 28.30 -9.26
CA LEU B 52 0.63 29.46 -9.20
C LEU B 52 0.09 30.61 -10.05
N GLY B 53 -1.12 30.43 -10.59
CA GLY B 53 -1.72 31.39 -11.53
C GLY B 53 -0.77 31.68 -12.68
N GLU B 54 -0.13 30.63 -13.18
CA GLU B 54 0.99 30.75 -14.11
C GLU B 54 1.11 29.43 -14.89
N GLY B 55 0.47 29.35 -16.05
CA GLY B 55 0.32 28.07 -16.77
C GLY B 55 -0.57 27.13 -15.97
N ASP B 56 -0.37 25.82 -16.17
CA ASP B 56 -0.99 24.82 -15.30
C ASP B 56 0.00 24.32 -14.22
N LYS B 57 0.86 25.23 -13.78
CA LYS B 57 1.88 24.93 -12.78
C LYS B 57 1.28 24.85 -11.37
N VAL B 58 1.62 23.77 -10.66
CA VAL B 58 1.20 23.60 -9.27
C VAL B 58 2.40 23.22 -8.40
N LYS B 59 2.28 23.43 -7.09
CA LYS B 59 3.36 23.16 -6.14
C LYS B 59 2.80 22.56 -4.85
N CYS B 60 3.47 21.55 -4.32
CA CYS B 60 3.06 20.92 -3.07
C CYS B 60 3.49 21.76 -1.87
N PHE B 61 2.55 22.03 -0.96
CA PHE B 61 2.81 22.90 0.20
C PHE B 61 3.89 22.38 1.15
N HIS B 62 4.01 21.07 1.26
CA HIS B 62 4.93 20.47 2.23
C HIS B 62 6.33 20.30 1.66
N CYS B 63 6.44 19.66 0.51
CA CYS B 63 7.76 19.34 -0.06
C CYS B 63 8.25 20.35 -1.10
N GLY B 64 7.35 21.21 -1.59
CA GLY B 64 7.71 22.21 -2.57
C GLY B 64 7.86 21.69 -4.00
N GLY B 65 7.48 20.43 -4.22
CA GLY B 65 7.58 19.81 -5.52
C GLY B 65 6.63 20.45 -6.50
N GLY B 66 7.14 20.89 -7.64
CA GLY B 66 6.32 21.53 -8.67
C GLY B 66 6.01 20.58 -9.81
N LEU B 67 4.77 20.63 -10.29
CA LEU B 67 4.38 19.86 -11.47
C LEU B 67 3.68 20.72 -12.53
N THR B 68 3.86 20.34 -13.79
CA THR B 68 3.32 21.09 -14.92
C THR B 68 3.00 20.16 -16.07
N ASP B 69 2.27 20.69 -17.07
CA ASP B 69 1.93 19.96 -18.30
C ASP B 69 1.08 18.72 -18.03
N TRP B 70 -0.06 18.94 -17.38
CA TRP B 70 -0.96 17.86 -17.01
C TRP B 70 -1.75 17.31 -18.19
N LYS B 71 -1.61 16.02 -18.43
CA LYS B 71 -2.37 15.32 -19.47
C LYS B 71 -3.79 14.96 -18.97
N PRO B 72 -4.75 14.81 -19.91
CA PRO B 72 -6.15 14.44 -19.70
C PRO B 72 -6.47 13.62 -18.43
N SER B 73 -5.77 12.52 -18.21
CA SER B 73 -6.19 11.59 -17.16
C SER B 73 -5.12 11.16 -16.17
N GLU B 74 -4.26 12.10 -15.78
CA GLU B 74 -3.21 11.82 -14.80
C GLU B 74 -3.69 12.05 -13.38
N ASP B 75 -3.31 11.16 -12.47
CA ASP B 75 -3.74 11.24 -11.08
C ASP B 75 -2.75 12.06 -10.23
N PRO B 76 -3.22 13.16 -9.62
CA PRO B 76 -2.44 14.05 -8.75
C PRO B 76 -1.60 13.29 -7.72
N TRP B 77 -2.21 12.30 -7.06
CA TRP B 77 -1.49 11.50 -6.08
C TRP B 77 -0.43 10.60 -6.71
N GLU B 78 -0.74 10.00 -7.86
CA GLU B 78 0.21 9.13 -8.55
C GLU B 78 1.40 9.94 -9.00
N GLN B 79 1.12 11.07 -9.65
CA GLN B 79 2.14 12.00 -10.10
C GLN B 79 3.01 12.49 -8.95
N HIS B 80 2.39 12.82 -7.82
CA HIS B 80 3.13 13.26 -6.64
C HIS B 80 4.16 12.22 -6.23
N ALA B 81 3.69 10.97 -6.11
CA ALA B 81 4.53 9.86 -5.71
C ALA B 81 5.59 9.55 -6.77
N LYS B 82 5.20 9.60 -8.03
CA LYS B 82 6.12 9.35 -9.14
C LYS B 82 7.32 10.28 -9.07
N TRP B 83 7.07 11.56 -8.83
CA TRP B 83 8.12 12.58 -8.99
C TRP B 83 8.76 13.01 -7.69
N TYR B 84 8.00 12.94 -6.60
CA TYR B 84 8.47 13.41 -5.30
C TYR B 84 8.18 12.40 -4.21
N PRO B 85 8.79 11.21 -4.32
CA PRO B 85 8.45 10.13 -3.39
C PRO B 85 8.74 10.46 -1.93
N GLY B 86 9.68 11.36 -1.69
CA GLY B 86 10.09 11.67 -0.32
C GLY B 86 9.32 12.74 0.42
N CYS B 87 8.08 12.99 0.03
CA CYS B 87 7.26 14.00 0.71
C CYS B 87 6.58 13.45 1.95
N LYS B 88 6.77 14.11 3.10
CA LYS B 88 6.17 13.66 4.37
C LYS B 88 4.64 13.65 4.36
N TYR B 89 4.04 14.69 3.78
CA TYR B 89 2.59 14.77 3.69
C TYR B 89 2.02 13.62 2.87
N LEU B 90 2.71 13.26 1.78
CA LEU B 90 2.31 12.14 0.94
C LEU B 90 2.36 10.84 1.71
N LEU B 91 3.40 10.67 2.52
CA LEU B 91 3.57 9.48 3.34
C LEU B 91 2.50 9.35 4.41
N GLU B 92 2.21 10.46 5.10
CA GLU B 92 1.15 10.45 6.12
C GLU B 92 -0.24 10.25 5.52
N GLN B 93 -0.46 10.72 4.29
CA GLN B 93 -1.76 10.61 3.64
C GLN B 93 -1.97 9.28 2.95
N LYS B 94 -0.96 8.81 2.22
CA LYS B 94 -1.10 7.64 1.37
C LYS B 94 -0.34 6.41 1.84
N GLY B 95 0.63 6.60 2.73
CA GLY B 95 1.38 5.48 3.32
C GLY B 95 2.47 4.85 2.47
N GLN B 96 3.38 4.14 3.15
CA GLN B 96 4.52 3.45 2.54
C GLN B 96 4.18 2.67 1.28
N GLU B 97 3.18 1.80 1.39
CA GLU B 97 2.88 0.84 0.33
C GLU B 97 2.54 1.52 -0.99
N TYR B 98 1.65 2.50 -0.92
CA TYR B 98 1.27 3.28 -2.09
C TYR B 98 2.48 3.88 -2.83
N ILE B 99 3.39 4.52 -2.08
CA ILE B 99 4.58 5.15 -2.66
C ILE B 99 5.47 4.13 -3.35
N ASN B 100 5.93 3.13 -2.60
CA ASN B 100 6.76 2.06 -3.14
C ASN B 100 6.09 1.40 -4.32
N ASN B 101 4.80 1.18 -4.18
CA ASN B 101 3.97 0.63 -5.24
C ASN B 101 4.21 1.31 -6.58
N ILE B 102 4.10 2.65 -6.59
CA ILE B 102 4.26 3.45 -7.80
C ILE B 102 5.66 3.26 -8.40
N HIS B 103 6.67 3.22 -7.54
CA HIS B 103 8.04 3.07 -8.02
C HIS B 103 8.40 1.66 -8.44
N LEU B 104 7.83 0.66 -7.78
CA LEU B 104 8.03 -0.73 -8.17
C LEU B 104 7.52 -0.96 -9.59
N THR B 105 6.31 -0.48 -9.85
CA THR B 105 5.72 -0.60 -11.17
C THR B 105 6.67 -0.05 -12.22
N HIS B 106 7.18 1.17 -11.99
CA HIS B 106 8.15 1.78 -12.90
C HIS B 106 9.35 0.86 -13.13
N SER B 107 9.96 0.38 -12.05
CA SER B 107 11.09 -0.53 -12.14
C SER B 107 10.72 -1.73 -13.00
N LEU B 108 9.69 -2.44 -12.57
CA LEU B 108 9.21 -3.65 -13.25
C LEU B 108 8.95 -3.43 -14.73
N GLU B 109 8.28 -2.32 -15.06
CA GLU B 109 7.99 -1.97 -16.43
C GLU B 109 9.29 -1.84 -17.22
N GLU B 110 10.16 -0.90 -16.82
CA GLU B 110 11.43 -0.62 -17.51
CA GLU B 110 11.37 -0.64 -17.59
C GLU B 110 12.19 -1.92 -17.75
N CYS B 111 12.36 -2.65 -16.65
CA CYS B 111 13.08 -3.91 -16.62
C CYS B 111 12.45 -5.00 -17.50
N LEU B 112 11.16 -4.87 -17.81
CA LEU B 112 10.45 -5.84 -18.64
C LEU B 112 10.53 -5.52 -20.14
N VAL B 113 10.66 -4.24 -20.47
CA VAL B 113 10.58 -3.79 -21.86
C VAL B 113 11.97 -3.71 -22.55
N ARG B 114 12.32 -4.79 -23.27
CA ARG B 114 13.62 -4.95 -23.95
C ARG B 114 14.83 -4.70 -23.04
#